data_6R34
#
_entry.id   6R34
#
_cell.length_a   96.000
_cell.length_b   63.960
_cell.length_c   87.720
_cell.angle_alpha   90.00
_cell.angle_beta   90.00
_cell.angle_gamma   90.00
#
_symmetry.space_group_name_H-M   'P 21 21 2'
#
loop_
_entity.id
_entity.type
_entity.pdbx_description
1 polymer 'Ferulic acid decarboxylase 1'
2 non-polymer 'MANGANESE (II) ION'
3 non-polymer 'POTASSIUM ION'
4 non-polymer 'prFMN cofactor and phenylpropiolic acid adduct'
5 water water
#
_entity_poly.entity_id   1
_entity_poly.type   'polypeptide(L)'
_entity_poly.pdbx_seq_one_letter_code
;MSAQPAHLCFRSFVEALKVDNDLVEINTPIDPNLEAAAITRRVCETNDKAPLFNNLIGMKNGLFRILGAPGSLRKSSADR
YGRLARHLALPPTASMREILDKMLSASDMPPIPPTIVPTGPCKENSLDDSEFDLTELPVPLIHKSDGGKYIQTYGMHIVQ
SPDGTWTNWSIARAMVHDKNHLTGLVIPPQHIWQIHQMWKKEGRSDVPWALAFGVPPAAIMASSMPIPDGVTEAGYVGAM
TGSSLELVKCDTNDLYVPATSEIVLEGTLSISETGPEGPFGEMHGYIFPGDTHLGAKYKVNRITYRNNAIMPMSSCGRLT
DETHTMIGSLAAAEIRKLCQQNDLPITDAFAPFESQVTWVALRVDTEKLRAMKTTSEGFRKRVGDVVFNHKAGYTIHRLV
LVGDDIDVYEGKDVLWAFSTRCRPGMDETLFEDVRGFPLIPYMGHGNGPAHRGGKVVSDALMPTEYTTGRNWEAADFNQS
YPEDLKQKVLDNWTKMGFSNLEHHHHHH
;
_entity_poly.pdbx_strand_id   A
#
# COMPACT_ATOMS: atom_id res chain seq x y z
N GLN A 4 9.70 -22.02 7.29
CA GLN A 4 9.77 -21.08 6.16
C GLN A 4 10.08 -19.70 6.67
N PRO A 5 10.87 -18.89 5.95
CA PRO A 5 11.14 -17.53 6.38
C PRO A 5 9.90 -16.63 6.44
N ALA A 6 9.96 -15.64 7.33
CA ALA A 6 8.80 -14.73 7.55
C ALA A 6 8.37 -14.00 6.29
N HIS A 7 9.32 -13.61 5.44
CA HIS A 7 8.95 -12.86 4.25
C HIS A 7 8.31 -13.74 3.16
N LEU A 8 8.44 -15.07 3.32
CA LEU A 8 7.95 -16.04 2.33
C LEU A 8 6.74 -16.82 2.83
N CYS A 9 6.27 -16.59 4.04
CA CYS A 9 5.23 -17.39 4.62
C CYS A 9 4.50 -16.56 5.65
N PHE A 10 3.19 -16.29 5.45
CA PHE A 10 2.45 -15.47 6.38
C PHE A 10 2.40 -16.07 7.78
N ARG A 11 2.27 -17.37 7.92
CA ARG A 11 2.25 -17.96 9.24
C ARG A 11 3.53 -17.67 10.01
N SER A 12 4.66 -17.77 9.29
CA SER A 12 5.97 -17.41 9.85
C SER A 12 6.08 -15.92 10.20
N PHE A 13 5.48 -15.07 9.38
CA PHE A 13 5.41 -13.63 9.67
C PHE A 13 4.68 -13.36 10.98
N VAL A 14 3.57 -14.04 11.20
CA VAL A 14 2.83 -13.84 12.49
C VAL A 14 3.75 -14.24 13.64
N GLU A 15 4.53 -15.32 13.48
N GLU A 15 4.43 -15.38 13.50
CA GLU A 15 5.48 -15.72 14.56
CA GLU A 15 5.36 -15.77 14.51
C GLU A 15 6.56 -14.67 14.78
C GLU A 15 6.49 -14.78 14.73
N ALA A 16 6.99 -14.10 13.67
CA ALA A 16 7.98 -13.05 13.78
C ALA A 16 7.47 -11.88 14.59
N LEU A 17 6.23 -11.45 14.33
CA LEU A 17 5.69 -10.35 15.08
C LEU A 17 5.61 -10.72 16.57
N LYS A 18 5.23 -11.93 16.91
N LYS A 18 5.25 -11.98 16.85
CA LYS A 18 5.23 -12.35 18.30
CA LYS A 18 5.13 -12.53 18.22
C LYS A 18 6.63 -12.20 18.89
C LYS A 18 6.52 -12.42 18.89
N VAL A 19 7.57 -12.91 18.25
N VAL A 19 7.65 -12.72 18.21
CA VAL A 19 8.92 -12.92 18.69
CA VAL A 19 8.94 -12.74 18.94
C VAL A 19 9.45 -11.48 18.89
C VAL A 19 9.57 -11.33 18.94
N ASP A 20 9.04 -10.51 18.06
CA ASP A 20 9.41 -9.09 18.14
C ASP A 20 8.68 -8.33 19.28
N ASN A 21 7.83 -9.02 20.04
CA ASN A 21 6.99 -8.29 21.00
C ASN A 21 6.20 -7.18 20.30
N ASP A 22 5.65 -7.57 19.15
CA ASP A 22 4.87 -6.65 18.31
C ASP A 22 3.48 -7.19 17.98
N LEU A 23 3.05 -8.16 18.79
N LEU A 23 2.93 -7.96 18.90
CA LEU A 23 1.76 -8.84 18.62
CA LEU A 23 1.69 -8.61 18.59
C LEU A 23 1.05 -8.86 19.97
C LEU A 23 1.02 -9.04 19.89
N VAL A 24 -0.27 -8.72 19.97
CA VAL A 24 -1.12 -9.04 21.11
C VAL A 24 -2.09 -10.11 20.67
N GLU A 25 -2.02 -11.28 21.31
CA GLU A 25 -2.94 -12.35 21.04
C GLU A 25 -4.16 -12.21 21.93
N ILE A 26 -5.31 -12.23 21.29
N ILE A 26 -5.35 -12.08 21.34
CA ILE A 26 -6.53 -12.08 22.00
CA ILE A 26 -6.63 -11.97 22.09
C ILE A 26 -7.26 -13.41 21.85
C ILE A 26 -7.40 -13.28 21.91
N ASN A 27 -7.40 -14.08 22.99
CA ASN A 27 -7.91 -15.47 22.98
C ASN A 27 -9.33 -15.59 23.50
N THR A 28 -9.91 -14.48 23.96
CA THR A 28 -11.32 -14.41 24.37
C THR A 28 -12.19 -14.03 23.19
N PRO A 29 -13.50 -14.25 23.23
CA PRO A 29 -14.32 -14.00 22.05
C PRO A 29 -14.36 -12.53 21.65
N ILE A 30 -14.14 -12.28 20.36
CA ILE A 30 -14.20 -10.92 19.79
C ILE A 30 -15.19 -10.97 18.62
N ASP A 31 -16.04 -9.96 18.54
CA ASP A 31 -17.07 -9.89 17.52
C ASP A 31 -16.49 -9.34 16.20
N PRO A 32 -16.64 -10.08 15.08
CA PRO A 32 -16.26 -9.49 13.79
C PRO A 32 -17.16 -8.32 13.39
N ASN A 33 -18.36 -8.22 13.98
CA ASN A 33 -19.18 -7.04 13.74
C ASN A 33 -18.60 -5.88 14.56
N LEU A 34 -17.77 -5.07 13.91
CA LEU A 34 -17.16 -3.88 14.44
C LEU A 34 -16.06 -4.04 15.50
N GLU A 35 -16.18 -4.95 16.45
CA GLU A 35 -15.24 -4.97 17.57
C GLU A 35 -13.80 -5.23 17.13
N ALA A 36 -13.58 -6.25 16.27
CA ALA A 36 -12.24 -6.53 15.82
C ALA A 36 -11.65 -5.30 15.12
N ALA A 37 -12.44 -4.68 14.23
CA ALA A 37 -11.94 -3.53 13.51
C ALA A 37 -11.76 -2.30 14.42
N ALA A 38 -12.59 -2.13 15.44
CA ALA A 38 -12.43 -0.99 16.34
C ALA A 38 -11.11 -1.09 17.10
N ILE A 39 -10.80 -2.31 17.60
CA ILE A 39 -9.55 -2.54 18.27
C ILE A 39 -8.39 -2.22 17.29
N THR A 40 -8.51 -2.76 16.07
CA THR A 40 -7.47 -2.53 15.07
C THR A 40 -7.31 -1.04 14.73
N ARG A 41 -8.44 -0.35 14.61
CA ARG A 41 -8.41 1.09 14.35
C ARG A 41 -7.62 1.84 15.42
N ARG A 42 -7.95 1.51 16.69
N ARG A 42 -7.89 1.51 16.70
CA ARG A 42 -7.26 2.11 17.83
CA ARG A 42 -7.19 2.21 17.76
C ARG A 42 -5.76 1.82 17.76
C ARG A 42 -5.70 1.82 17.79
N VAL A 43 -5.38 0.57 17.44
CA VAL A 43 -3.99 0.21 17.26
C VAL A 43 -3.33 1.11 16.23
N CYS A 44 -3.98 1.29 15.08
CA CYS A 44 -3.41 2.06 14.00
C CYS A 44 -3.28 3.54 14.34
N GLU A 45 -4.23 4.08 15.12
CA GLU A 45 -4.17 5.49 15.51
C GLU A 45 -3.16 5.77 16.58
N THR A 46 -2.68 4.71 17.29
CA THR A 46 -1.73 4.85 18.39
C THR A 46 -0.44 4.11 18.16
N ASN A 47 -0.23 3.52 16.99
CA ASN A 47 0.99 2.78 16.66
C ASN A 47 1.25 1.64 17.67
N ASP A 48 0.19 0.96 18.10
CA ASP A 48 0.36 -0.15 19.08
C ASP A 48 0.70 -1.46 18.35
N LYS A 49 0.84 -2.51 19.14
CA LYS A 49 1.13 -3.84 18.64
C LYS A 49 -0.03 -4.39 17.79
N ALA A 50 0.31 -5.22 16.79
CA ALA A 50 -0.71 -5.80 15.94
C ALA A 50 -1.60 -6.76 16.73
N PRO A 51 -2.93 -6.73 16.53
CA PRO A 51 -3.80 -7.67 17.24
C PRO A 51 -4.05 -8.93 16.45
N LEU A 52 -3.93 -10.07 17.11
CA LEU A 52 -4.28 -11.38 16.54
C LEU A 52 -5.48 -11.90 17.32
N PHE A 53 -6.61 -11.97 16.60
CA PHE A 53 -7.88 -12.41 17.18
C PHE A 53 -8.00 -13.90 16.91
N ASN A 54 -7.72 -14.67 17.97
CA ASN A 54 -7.73 -16.14 17.90
C ASN A 54 -9.10 -16.76 18.20
N ASN A 55 -10.08 -15.94 18.61
CA ASN A 55 -11.35 -16.47 19.06
C ASN A 55 -12.43 -15.51 18.52
N LEU A 56 -12.71 -15.64 17.25
N LEU A 56 -12.70 -15.57 17.22
CA LEU A 56 -13.59 -14.74 16.52
CA LEU A 56 -13.71 -14.71 16.60
C LEU A 56 -15.01 -15.33 16.58
C LEU A 56 -15.05 -15.36 16.62
N ILE A 57 -16.00 -14.58 17.07
CA ILE A 57 -17.37 -15.04 17.16
C ILE A 57 -17.85 -15.32 15.71
N GLY A 58 -18.28 -16.56 15.50
CA GLY A 58 -18.74 -17.01 14.20
C GLY A 58 -17.71 -17.84 13.44
N MET A 59 -16.46 -17.99 13.94
N MET A 59 -16.52 -18.04 13.98
CA MET A 59 -15.45 -18.89 13.31
CA MET A 59 -15.71 -18.96 13.32
C MET A 59 -15.92 -20.35 13.44
C MET A 59 -16.47 -20.28 13.13
N LYS A 60 -15.91 -21.07 12.30
CA LYS A 60 -16.40 -22.43 12.27
C LYS A 60 -15.50 -23.22 11.33
N ASN A 61 -15.18 -24.46 11.69
CA ASN A 61 -14.47 -25.35 10.77
C ASN A 61 -13.17 -24.71 10.34
N GLY A 62 -12.56 -23.90 11.21
CA GLY A 62 -11.30 -23.39 10.91
C GLY A 62 -11.30 -22.06 10.23
N LEU A 63 -12.49 -21.52 9.86
CA LEU A 63 -12.51 -20.20 9.16
C LEU A 63 -13.17 -19.19 10.08
N PHE A 64 -12.45 -18.18 10.59
CA PHE A 64 -11.03 -17.93 10.50
C PHE A 64 -10.66 -17.06 11.72
N ARG A 65 -9.36 -16.98 11.99
CA ARG A 65 -8.79 -15.98 12.90
C ARG A 65 -8.56 -14.71 12.12
N ILE A 66 -8.26 -13.58 12.77
CA ILE A 66 -7.92 -12.36 12.07
C ILE A 66 -6.64 -11.78 12.64
N LEU A 67 -5.74 -11.31 11.75
CA LEU A 67 -4.62 -10.44 12.14
C LEU A 67 -4.90 -9.03 11.66
N GLY A 68 -5.04 -8.08 12.55
CA GLY A 68 -5.19 -6.71 12.14
C GLY A 68 -3.86 -5.96 12.04
N ALA A 69 -3.87 -4.84 11.32
CA ALA A 69 -2.73 -3.89 11.30
C ALA A 69 -1.43 -4.57 10.85
N PRO A 70 -1.45 -5.44 9.81
CA PRO A 70 -0.22 -6.15 9.42
C PRO A 70 0.93 -5.27 8.91
N GLY A 71 0.63 -4.09 8.39
CA GLY A 71 1.63 -3.21 7.81
C GLY A 71 1.67 -1.83 8.42
N SER A 72 1.15 -1.72 9.64
CA SER A 72 1.06 -0.44 10.30
C SER A 72 2.34 -0.13 11.09
N LEU A 73 2.38 1.03 11.76
CA LEU A 73 3.61 1.54 12.36
C LEU A 73 3.78 1.06 13.80
N ARG A 74 5.05 0.97 14.21
CA ARG A 74 5.41 0.73 15.60
C ARG A 74 5.65 2.08 16.30
N LYS A 75 5.54 2.06 17.65
CA LYS A 75 5.59 3.33 18.37
C LYS A 75 6.97 3.96 18.37
N SER A 76 7.98 3.11 18.47
N SER A 76 7.99 3.15 18.60
CA SER A 76 9.32 3.64 18.62
CA SER A 76 9.37 3.68 18.73
C SER A 76 9.79 4.24 17.28
C SER A 76 9.89 4.14 17.37
N SER A 77 10.62 5.27 17.36
CA SER A 77 11.26 5.81 16.18
C SER A 77 12.26 4.80 15.58
N ALA A 78 12.98 4.08 16.43
CA ALA A 78 14.06 3.26 15.93
C ALA A 78 13.57 2.12 15.03
N ASP A 79 12.42 1.54 15.33
CA ASP A 79 11.88 0.42 14.53
C ASP A 79 10.50 0.77 14.03
N ARG A 80 10.26 2.05 13.74
CA ARG A 80 8.98 2.57 13.27
C ARG A 80 8.38 1.71 12.16
N TYR A 81 9.23 1.34 11.18
CA TYR A 81 8.78 0.61 9.99
C TYR A 81 9.09 -0.88 10.11
N GLY A 82 9.24 -1.38 11.33
CA GLY A 82 9.65 -2.76 11.47
C GLY A 82 8.66 -3.77 10.91
N ARG A 83 7.35 -3.49 10.96
CA ARG A 83 6.42 -4.46 10.39
C ARG A 83 6.62 -4.56 8.89
N LEU A 84 6.92 -3.44 8.23
N LEU A 84 6.93 -3.44 8.17
CA LEU A 84 7.18 -3.51 6.84
CA LEU A 84 7.27 -3.44 6.68
C LEU A 84 8.49 -4.24 6.58
C LEU A 84 8.60 -4.16 6.44
N ALA A 85 9.55 -3.93 7.36
CA ALA A 85 10.82 -4.63 7.22
C ALA A 85 10.62 -6.16 7.32
N ARG A 86 9.72 -6.61 8.21
CA ARG A 86 9.44 -8.05 8.38
C ARG A 86 8.70 -8.62 7.19
N HIS A 87 8.15 -7.82 6.29
CA HIS A 87 7.64 -8.33 5.03
C HIS A 87 8.75 -8.68 4.02
N LEU A 88 9.98 -8.25 4.29
CA LEU A 88 11.01 -8.18 3.24
C LEU A 88 12.36 -8.76 3.66
N ALA A 89 12.45 -9.37 4.85
CA ALA A 89 13.72 -9.93 5.36
C ALA A 89 14.71 -8.86 5.71
N LEU A 90 14.27 -7.62 5.91
CA LEU A 90 15.15 -6.52 6.30
C LEU A 90 15.22 -6.42 7.82
N PRO A 91 16.33 -5.90 8.38
CA PRO A 91 16.37 -5.64 9.81
C PRO A 91 15.22 -4.74 10.25
N PRO A 92 14.70 -4.90 11.45
CA PRO A 92 13.54 -4.13 11.88
C PRO A 92 13.79 -2.63 12.02
N THR A 93 15.03 -2.22 12.11
CA THR A 93 15.47 -0.85 12.14
C THR A 93 15.64 -0.23 10.74
N ALA A 94 15.26 -0.95 9.69
CA ALA A 94 15.44 -0.41 8.35
C ALA A 94 14.72 0.93 8.17
N SER A 95 15.38 1.80 7.42
CA SER A 95 14.81 3.07 7.05
C SER A 95 13.81 2.93 5.91
N MET A 96 13.06 4.01 5.69
N MET A 96 12.88 3.88 5.73
CA MET A 96 12.13 4.00 4.62
CA MET A 96 12.03 3.85 4.54
C MET A 96 12.87 3.88 3.30
C MET A 96 12.85 3.93 3.23
N ARG A 97 13.98 4.63 3.19
CA ARG A 97 14.82 4.56 1.98
C ARG A 97 15.21 3.11 1.68
N GLU A 98 15.66 2.37 2.72
CA GLU A 98 16.07 1.00 2.52
C GLU A 98 14.88 0.10 2.10
N ILE A 99 13.71 0.29 2.69
CA ILE A 99 12.54 -0.47 2.31
C ILE A 99 12.18 -0.21 0.85
N LEU A 100 12.13 1.05 0.47
CA LEU A 100 11.77 1.39 -0.92
C LEU A 100 12.82 0.92 -1.91
N ASP A 101 14.09 1.04 -1.54
CA ASP A 101 15.13 0.50 -2.40
C ASP A 101 14.97 -1.00 -2.58
N LYS A 102 14.62 -1.73 -1.52
CA LYS A 102 14.40 -3.15 -1.67
C LYS A 102 13.26 -3.42 -2.63
N MET A 103 12.15 -2.66 -2.49
CA MET A 103 11.00 -2.82 -3.38
C MET A 103 11.31 -2.46 -4.82
N LEU A 104 12.25 -1.59 -5.09
CA LEU A 104 12.65 -1.21 -6.45
C LEU A 104 13.74 -2.11 -7.02
N SER A 105 14.41 -2.90 -6.19
CA SER A 105 15.62 -3.57 -6.60
C SER A 105 15.42 -4.52 -7.77
N ALA A 106 14.24 -5.15 -7.87
CA ALA A 106 13.95 -6.09 -8.93
C ALA A 106 13.69 -5.42 -10.29
N SER A 107 13.56 -4.10 -10.29
N SER A 107 13.50 -4.12 -10.31
CA SER A 107 13.31 -3.40 -11.52
CA SER A 107 13.14 -3.48 -11.57
C SER A 107 14.51 -3.47 -12.48
C SER A 107 14.15 -3.76 -12.67
N ASP A 108 15.74 -3.66 -12.02
N ASP A 108 15.43 -3.83 -12.27
CA ASP A 108 16.65 -3.98 -13.14
CA ASP A 108 16.69 -3.87 -13.06
C ASP A 108 17.37 -5.30 -12.85
C ASP A 108 17.17 -5.33 -13.25
N MET A 109 16.52 -6.29 -12.58
CA MET A 109 16.95 -7.66 -12.51
C MET A 109 16.09 -8.54 -13.43
N PRO A 110 16.63 -9.65 -13.94
CA PRO A 110 15.79 -10.61 -14.63
C PRO A 110 14.76 -11.15 -13.65
N PRO A 111 13.50 -11.34 -14.09
CA PRO A 111 12.52 -12.02 -13.22
C PRO A 111 13.04 -13.40 -12.82
N ILE A 112 12.60 -13.88 -11.67
CA ILE A 112 12.78 -15.26 -11.28
C ILE A 112 11.41 -15.90 -11.25
N PRO A 113 11.03 -16.65 -12.31
CA PRO A 113 9.67 -17.17 -12.36
C PRO A 113 9.39 -18.12 -11.20
N PRO A 114 8.12 -18.26 -10.87
CA PRO A 114 7.72 -19.14 -9.79
C PRO A 114 7.92 -20.61 -10.14
N THR A 115 7.96 -21.41 -9.08
CA THR A 115 8.11 -22.87 -9.15
C THR A 115 6.78 -23.49 -8.78
N ILE A 116 6.29 -24.45 -9.56
CA ILE A 116 5.05 -25.15 -9.30
C ILE A 116 5.36 -26.37 -8.44
N VAL A 117 4.67 -26.47 -7.34
CA VAL A 117 4.78 -27.61 -6.47
C VAL A 117 3.43 -28.32 -6.41
N PRO A 118 3.38 -29.62 -6.03
CA PRO A 118 2.11 -30.36 -6.12
C PRO A 118 1.07 -30.04 -5.03
N THR A 119 1.55 -29.54 -3.88
CA THR A 119 0.61 -29.26 -2.80
C THR A 119 1.29 -28.28 -1.82
N GLY A 120 0.51 -27.81 -0.88
CA GLY A 120 1.04 -26.95 0.17
C GLY A 120 -0.04 -26.80 1.25
N PRO A 121 0.31 -26.02 2.27
CA PRO A 121 -0.62 -25.85 3.39
C PRO A 121 -1.99 -25.30 3.01
N CYS A 122 -2.06 -24.49 1.96
CA CYS A 122 -3.33 -23.93 1.55
C CYS A 122 -4.31 -24.99 1.07
N LYS A 123 -3.86 -26.27 0.91
CA LYS A 123 -4.72 -27.35 0.50
C LYS A 123 -5.13 -28.22 1.69
N GLU A 124 -4.83 -27.82 2.93
CA GLU A 124 -5.16 -28.67 4.10
C GLU A 124 -6.64 -28.89 4.26
N ASN A 125 -7.46 -27.95 3.83
CA ASN A 125 -8.89 -28.04 3.98
C ASN A 125 -9.56 -27.47 2.71
N SER A 126 -10.74 -27.95 2.34
CA SER A 126 -11.47 -27.41 1.23
C SER A 126 -12.96 -27.44 1.51
N LEU A 127 -13.67 -26.54 0.81
CA LEU A 127 -15.11 -26.44 0.82
C LEU A 127 -15.57 -26.24 -0.60
N ASP A 128 -16.38 -27.15 -1.11
CA ASP A 128 -16.94 -26.97 -2.45
C ASP A 128 -18.17 -26.05 -2.36
N ASP A 129 -18.75 -25.86 -3.54
N ASP A 129 -18.76 -25.81 -3.54
CA ASP A 129 -19.83 -24.98 -3.78
CA ASP A 129 -19.91 -24.93 -3.75
C ASP A 129 -21.15 -25.39 -3.09
C ASP A 129 -21.08 -25.29 -2.80
N SER A 130 -21.21 -26.57 -2.45
CA SER A 130 -22.39 -27.02 -1.65
C SER A 130 -22.14 -26.90 -0.13
N GLU A 131 -20.90 -26.51 0.26
CA GLU A 131 -20.41 -26.61 1.63
C GLU A 131 -20.12 -25.28 2.31
N PHE A 132 -19.85 -24.22 1.54
CA PHE A 132 -19.61 -22.92 2.12
C PHE A 132 -20.78 -21.97 1.86
N ASP A 133 -20.84 -20.93 2.68
CA ASP A 133 -21.75 -19.79 2.50
C ASP A 133 -21.01 -18.59 3.03
N LEU A 134 -20.66 -17.65 2.16
CA LEU A 134 -19.85 -16.50 2.59
C LEU A 134 -20.58 -15.64 3.62
N THR A 135 -21.93 -15.65 3.64
CA THR A 135 -22.68 -14.93 4.66
C THR A 135 -22.61 -15.59 6.04
N GLU A 136 -22.11 -16.83 6.13
CA GLU A 136 -22.02 -17.55 7.40
C GLU A 136 -20.62 -17.47 7.98
N LEU A 137 -19.63 -16.95 7.27
CA LEU A 137 -18.30 -16.79 7.79
C LEU A 137 -18.21 -15.53 8.65
N PRO A 138 -17.20 -15.44 9.54
CA PRO A 138 -17.05 -14.27 10.43
C PRO A 138 -16.36 -13.09 9.75
N VAL A 139 -16.93 -12.70 8.61
CA VAL A 139 -16.41 -11.60 7.86
C VAL A 139 -16.63 -10.30 8.63
N PRO A 140 -15.62 -9.43 8.76
CA PRO A 140 -15.81 -8.23 9.57
C PRO A 140 -16.67 -7.18 8.91
N LEU A 141 -17.44 -6.49 9.77
CA LEU A 141 -17.92 -5.13 9.47
C LEU A 141 -16.86 -4.20 10.01
N ILE A 142 -16.20 -3.48 9.13
CA ILE A 142 -14.97 -2.73 9.50
C ILE A 142 -15.28 -1.31 10.04
N HIS A 143 -16.30 -0.65 9.46
CA HIS A 143 -16.73 0.66 9.87
C HIS A 143 -18.25 0.65 9.95
N LYS A 144 -18.81 1.39 10.90
N LYS A 144 -18.88 1.37 10.88
CA LYS A 144 -20.23 1.23 11.20
CA LYS A 144 -20.32 1.10 11.10
C LYS A 144 -21.19 1.54 10.04
C LYS A 144 -21.21 1.43 9.91
N SER A 145 -20.78 2.40 9.08
CA SER A 145 -21.60 2.76 7.92
C SER A 145 -21.19 2.03 6.65
N ASP A 146 -20.29 1.05 6.72
CA ASP A 146 -19.93 0.33 5.51
C ASP A 146 -21.14 -0.33 4.87
N GLY A 147 -21.09 -0.42 3.54
CA GLY A 147 -22.19 -1.04 2.80
C GLY A 147 -22.15 -2.52 2.67
N GLY A 148 -21.21 -3.17 3.36
CA GLY A 148 -21.09 -4.62 3.33
C GLY A 148 -19.99 -5.03 4.27
N LYS A 149 -19.82 -6.35 4.38
N LYS A 149 -19.87 -6.36 4.41
CA LYS A 149 -18.79 -6.91 5.20
CA LYS A 149 -18.84 -7.03 5.18
C LYS A 149 -17.59 -7.18 4.31
C LYS A 149 -17.62 -7.16 4.26
N TYR A 150 -16.54 -6.42 4.57
CA TYR A 150 -15.37 -6.40 3.67
C TYR A 150 -14.40 -7.50 4.04
N ILE A 151 -14.65 -8.65 3.42
CA ILE A 151 -13.77 -9.83 3.53
C ILE A 151 -12.39 -9.56 3.03
N GLN A 152 -12.29 -8.68 2.03
CA GLN A 152 -11.06 -8.48 1.30
C GLN A 152 -10.52 -7.07 1.49
N THR A 153 -9.56 -6.96 2.40
CA THR A 153 -8.77 -5.76 2.61
C THR A 153 -7.25 -6.00 2.56
N TYR A 154 -6.80 -7.27 2.57
CA TYR A 154 -5.33 -7.50 2.56
C TYR A 154 -4.97 -8.80 1.89
N GLY A 155 -5.88 -9.33 1.06
CA GLY A 155 -5.57 -10.43 0.16
C GLY A 155 -5.13 -9.95 -1.20
N MET A 156 -4.69 -10.89 -2.00
CA MET A 156 -4.17 -10.64 -3.33
C MET A 156 -5.07 -11.27 -4.38
N HIS A 157 -5.63 -10.43 -5.26
CA HIS A 157 -6.33 -10.93 -6.44
C HIS A 157 -5.33 -11.40 -7.49
N ILE A 158 -5.66 -12.52 -8.11
CA ILE A 158 -4.83 -13.13 -9.15
C ILE A 158 -5.71 -13.24 -10.40
N VAL A 159 -5.28 -12.54 -11.46
CA VAL A 159 -5.90 -12.65 -12.78
C VAL A 159 -4.80 -12.66 -13.83
N GLN A 160 -5.11 -13.27 -14.96
CA GLN A 160 -4.14 -13.45 -16.03
C GLN A 160 -4.74 -12.92 -17.33
N SER A 161 -3.89 -12.31 -18.18
CA SER A 161 -4.33 -11.91 -19.47
C SER A 161 -4.83 -13.08 -20.29
N PRO A 162 -5.77 -12.85 -21.23
CA PRO A 162 -6.28 -13.96 -22.07
C PRO A 162 -5.19 -14.78 -22.75
N ASP A 163 -4.12 -14.10 -23.19
CA ASP A 163 -3.05 -14.79 -23.89
C ASP A 163 -2.09 -15.52 -22.98
N GLY A 164 -2.24 -15.41 -21.66
CA GLY A 164 -1.44 -16.15 -20.72
C GLY A 164 -0.12 -15.51 -20.36
N THR A 165 0.26 -14.41 -20.99
CA THR A 165 1.60 -13.84 -20.86
C THR A 165 1.81 -12.98 -19.63
N TRP A 166 0.74 -12.55 -18.98
CA TRP A 166 0.86 -11.66 -17.81
C TRP A 166 -0.09 -12.14 -16.75
N THR A 167 0.47 -12.44 -15.56
CA THR A 167 -0.36 -12.78 -14.42
C THR A 167 -0.13 -11.64 -13.38
N ASN A 168 -1.23 -10.95 -13.04
CA ASN A 168 -1.13 -9.83 -12.13
C ASN A 168 -1.61 -10.22 -10.73
N TRP A 169 -0.85 -9.70 -9.73
CA TRP A 169 -1.21 -9.80 -8.32
C TRP A 169 -1.41 -8.38 -7.78
N SER A 170 -2.61 -8.14 -7.17
CA SER A 170 -2.87 -6.81 -6.63
C SER A 170 -3.89 -6.86 -5.52
N ILE A 171 -3.84 -5.82 -4.68
CA ILE A 171 -4.87 -5.60 -3.68
C ILE A 171 -5.94 -4.68 -4.24
N ALA A 172 -7.19 -5.09 -4.13
CA ALA A 172 -8.38 -4.24 -4.38
C ALA A 172 -9.45 -4.71 -3.44
N ARG A 173 -10.24 -3.81 -2.85
CA ARG A 173 -11.21 -4.20 -1.84
C ARG A 173 -12.32 -5.06 -2.46
N ALA A 174 -12.94 -5.87 -1.59
CA ALA A 174 -14.14 -6.58 -1.96
C ALA A 174 -14.94 -6.96 -0.71
N MET A 175 -16.27 -6.98 -0.88
CA MET A 175 -17.21 -7.28 0.17
C MET A 175 -18.13 -8.41 -0.26
N VAL A 176 -18.72 -9.07 0.78
CA VAL A 176 -19.66 -10.15 0.50
C VAL A 176 -20.97 -9.60 -0.08
N HIS A 177 -21.39 -10.17 -1.23
CA HIS A 177 -22.65 -9.89 -1.86
C HIS A 177 -23.72 -10.91 -1.46
N ASP A 178 -23.41 -12.20 -1.52
CA ASP A 178 -24.34 -13.24 -1.12
C ASP A 178 -23.51 -14.50 -0.87
N LYS A 179 -24.19 -15.65 -0.69
CA LYS A 179 -23.49 -16.86 -0.26
C LYS A 179 -22.29 -17.25 -1.11
N ASN A 180 -22.29 -16.86 -2.39
CA ASN A 180 -21.24 -17.30 -3.28
C ASN A 180 -20.74 -16.17 -4.20
N HIS A 181 -20.94 -14.90 -3.83
CA HIS A 181 -20.42 -13.81 -4.63
C HIS A 181 -19.87 -12.69 -3.75
N LEU A 182 -18.89 -11.99 -4.33
CA LEU A 182 -18.37 -10.74 -3.79
C LEU A 182 -18.66 -9.62 -4.77
N THR A 183 -18.67 -8.39 -4.29
CA THR A 183 -18.54 -7.22 -5.16
C THR A 183 -17.32 -6.45 -4.74
N GLY A 184 -16.70 -5.75 -5.68
CA GLY A 184 -15.50 -4.98 -5.33
C GLY A 184 -15.19 -3.90 -6.33
N LEU A 185 -14.12 -3.16 -6.02
N LEU A 185 -14.17 -3.14 -6.00
CA LEU A 185 -13.62 -2.11 -6.89
CA LEU A 185 -13.78 -1.97 -6.75
C LEU A 185 -12.71 -2.67 -7.95
C LEU A 185 -12.74 -2.37 -7.82
N VAL A 186 -13.09 -2.32 -9.14
CA VAL A 186 -12.25 -2.65 -10.31
C VAL A 186 -12.29 -1.44 -11.22
N ILE A 187 -11.28 -0.58 -11.11
CA ILE A 187 -11.35 0.77 -11.72
C ILE A 187 -10.10 1.07 -12.51
N PRO A 188 -10.20 1.88 -13.54
CA PRO A 188 -9.00 2.28 -14.30
C PRO A 188 -8.13 3.22 -13.44
N PRO A 189 -6.82 3.18 -13.62
CA PRO A 189 -6.04 2.42 -14.60
C PRO A 189 -5.46 1.11 -14.02
N GLN A 190 -6.09 0.59 -12.97
CA GLN A 190 -5.49 -0.51 -12.21
C GLN A 190 -5.35 -1.74 -13.09
N HIS A 191 -4.33 -2.57 -12.79
CA HIS A 191 -4.09 -3.75 -13.62
C HIS A 191 -5.24 -4.75 -13.59
N ILE A 192 -5.94 -4.92 -12.47
CA ILE A 192 -7.08 -5.82 -12.48
C ILE A 192 -8.11 -5.35 -13.51
N TRP A 193 -8.31 -4.01 -13.57
CA TRP A 193 -9.19 -3.44 -14.57
C TRP A 193 -8.67 -3.60 -15.99
N GLN A 194 -7.39 -3.37 -16.19
CA GLN A 194 -6.82 -3.53 -17.54
C GLN A 194 -7.02 -4.95 -18.05
N ILE A 195 -6.76 -5.94 -17.18
CA ILE A 195 -6.94 -7.33 -17.58
C ILE A 195 -8.41 -7.64 -17.76
N HIS A 196 -9.30 -7.21 -16.87
N HIS A 196 -9.30 -7.13 -16.87
CA HIS A 196 -10.70 -7.39 -17.10
CA HIS A 196 -10.73 -7.27 -17.01
C HIS A 196 -11.13 -6.86 -18.47
C HIS A 196 -11.21 -6.83 -18.39
N GLN A 197 -10.66 -5.69 -18.86
CA GLN A 197 -11.04 -5.13 -20.16
C GLN A 197 -10.61 -6.06 -21.31
N MET A 198 -9.46 -6.70 -21.16
CA MET A 198 -8.99 -7.63 -22.21
C MET A 198 -10.02 -8.76 -22.35
N TRP A 199 -10.45 -9.34 -21.25
CA TRP A 199 -11.45 -10.43 -21.31
C TRP A 199 -12.79 -9.92 -21.83
N LYS A 200 -13.13 -8.67 -21.54
N LYS A 200 -13.22 -8.74 -21.36
CA LYS A 200 -14.43 -8.18 -22.00
CA LYS A 200 -14.45 -8.15 -21.90
C LYS A 200 -14.41 -7.98 -23.50
C LYS A 200 -14.40 -8.07 -23.41
N LYS A 201 -13.30 -7.54 -23.99
CA LYS A 201 -13.20 -7.36 -25.42
C LYS A 201 -13.19 -8.70 -26.14
N GLU A 202 -12.59 -9.72 -25.58
CA GLU A 202 -12.66 -11.07 -26.18
C GLU A 202 -14.08 -11.58 -26.15
N GLY A 203 -14.83 -11.29 -25.09
CA GLY A 203 -16.24 -11.51 -25.01
C GLY A 203 -16.74 -12.89 -24.81
N ARG A 204 -15.86 -13.88 -24.62
CA ARG A 204 -16.24 -15.28 -24.61
C ARG A 204 -16.50 -15.83 -23.22
N SER A 205 -15.73 -15.45 -22.22
N SER A 205 -15.83 -15.30 -22.22
CA SER A 205 -15.98 -16.01 -20.87
CA SER A 205 -15.64 -15.98 -20.91
C SER A 205 -15.66 -14.97 -19.80
C SER A 205 -15.58 -14.96 -19.79
N ASP A 206 -16.15 -15.28 -18.62
CA ASP A 206 -15.75 -14.53 -17.40
C ASP A 206 -14.27 -14.81 -17.11
N VAL A 207 -13.71 -13.93 -16.31
CA VAL A 207 -12.28 -13.98 -16.04
C VAL A 207 -11.96 -15.05 -15.01
N PRO A 208 -11.11 -16.07 -15.31
CA PRO A 208 -10.66 -16.95 -14.22
C PRO A 208 -9.97 -16.11 -13.15
N TRP A 209 -10.27 -16.44 -11.89
CA TRP A 209 -9.84 -15.57 -10.79
C TRP A 209 -9.52 -16.41 -9.58
N ALA A 210 -8.59 -15.91 -8.76
CA ALA A 210 -8.42 -16.42 -7.41
C ALA A 210 -8.11 -15.21 -6.51
N LEU A 211 -8.43 -15.37 -5.25
CA LEU A 211 -8.11 -14.37 -4.22
C LEU A 211 -7.48 -15.12 -3.08
N ALA A 212 -6.21 -14.79 -2.81
CA ALA A 212 -5.44 -15.49 -1.80
C ALA A 212 -5.18 -14.54 -0.63
N PHE A 213 -5.57 -14.99 0.55
CA PHE A 213 -5.38 -14.22 1.77
C PHE A 213 -4.25 -14.80 2.61
N GLY A 214 -3.47 -13.95 3.28
CA GLY A 214 -2.35 -14.49 4.02
C GLY A 214 -1.32 -15.09 3.13
N VAL A 215 -0.93 -14.34 2.10
CA VAL A 215 0.10 -14.73 1.16
C VAL A 215 1.47 -14.39 1.73
N PRO A 216 2.56 -14.84 1.07
CA PRO A 216 3.89 -14.41 1.47
C PRO A 216 3.93 -12.90 1.63
N PRO A 217 4.47 -12.41 2.72
CA PRO A 217 4.53 -10.96 2.89
C PRO A 217 5.24 -10.24 1.77
N ALA A 218 6.30 -10.77 1.21
CA ALA A 218 6.96 -10.06 0.14
C ALA A 218 6.01 -9.92 -1.06
N ALA A 219 5.16 -10.90 -1.30
CA ALA A 219 4.15 -10.83 -2.35
C ALA A 219 3.07 -9.79 -2.13
N ILE A 220 2.59 -9.63 -0.88
CA ILE A 220 1.57 -8.64 -0.63
C ILE A 220 2.13 -7.23 -0.80
N MET A 221 3.42 -7.02 -0.49
N MET A 221 3.45 -7.05 -0.54
CA MET A 221 4.04 -5.72 -0.78
CA MET A 221 4.12 -5.76 -0.79
C MET A 221 4.05 -5.44 -2.28
C MET A 221 4.08 -5.43 -2.27
N ALA A 222 4.49 -6.40 -3.11
CA ALA A 222 4.44 -6.13 -4.56
C ALA A 222 3.01 -5.97 -5.05
N SER A 223 2.07 -6.68 -4.42
CA SER A 223 0.66 -6.55 -4.80
C SER A 223 0.16 -5.11 -4.62
N SER A 224 0.75 -4.36 -3.69
N SER A 224 0.73 -4.34 -3.70
CA SER A 224 0.39 -3.00 -3.38
CA SER A 224 0.33 -2.99 -3.44
C SER A 224 1.20 -1.95 -4.11
C SER A 224 1.13 -1.95 -4.21
N MET A 225 2.09 -2.37 -5.02
CA MET A 225 3.01 -1.47 -5.70
C MET A 225 2.64 -1.40 -7.18
N PRO A 226 2.73 -0.22 -7.77
CA PRO A 226 2.39 -0.08 -9.22
C PRO A 226 3.62 -0.37 -10.07
N ILE A 227 4.07 -1.63 -10.06
CA ILE A 227 5.12 -2.07 -10.97
C ILE A 227 4.55 -2.01 -12.39
N PRO A 228 5.37 -2.05 -13.43
CA PRO A 228 4.89 -1.72 -14.75
C PRO A 228 3.83 -2.65 -15.33
N ASP A 229 3.10 -2.10 -16.30
CA ASP A 229 2.16 -2.86 -17.10
C ASP A 229 2.86 -4.09 -17.68
N GLY A 230 2.18 -5.22 -17.68
CA GLY A 230 2.67 -6.42 -18.31
C GLY A 230 3.67 -7.22 -17.50
N VAL A 231 4.05 -6.72 -16.32
CA VAL A 231 5.04 -7.39 -15.50
C VAL A 231 4.35 -8.28 -14.46
N THR A 232 4.66 -9.59 -14.51
CA THR A 232 4.09 -10.54 -13.60
C THR A 232 4.72 -10.35 -12.21
N GLU A 233 3.88 -10.01 -11.23
CA GLU A 233 4.43 -9.72 -9.86
C GLU A 233 5.19 -10.92 -9.34
N ALA A 234 4.75 -12.18 -9.61
CA ALA A 234 5.47 -13.33 -8.99
C ALA A 234 6.96 -13.32 -9.34
N GLY A 235 7.31 -13.00 -10.59
CA GLY A 235 8.71 -13.00 -11.02
C GLY A 235 9.49 -11.82 -10.48
N TYR A 236 8.80 -10.69 -10.24
CA TYR A 236 9.40 -9.52 -9.62
C TYR A 236 9.76 -9.81 -8.18
N VAL A 237 8.78 -10.42 -7.44
CA VAL A 237 9.04 -10.83 -6.07
C VAL A 237 10.14 -11.87 -6.00
N GLY A 238 10.16 -12.82 -6.94
CA GLY A 238 11.22 -13.79 -7.00
C GLY A 238 12.56 -13.09 -7.09
N ALA A 239 12.71 -12.14 -8.05
CA ALA A 239 13.95 -11.43 -8.15
C ALA A 239 14.31 -10.63 -6.92
N MET A 240 13.34 -9.86 -6.40
N MET A 240 13.32 -10.01 -6.29
CA MET A 240 13.56 -9.12 -5.13
CA MET A 240 13.59 -9.12 -5.17
C MET A 240 14.14 -9.98 -4.02
C MET A 240 14.03 -9.90 -3.93
N THR A 241 13.50 -11.13 -3.77
CA THR A 241 13.84 -11.99 -2.66
C THR A 241 15.01 -12.93 -2.99
N GLY A 242 15.39 -13.03 -4.24
CA GLY A 242 16.45 -13.94 -4.65
C GLY A 242 16.02 -15.39 -4.70
N SER A 243 14.74 -15.69 -4.66
CA SER A 243 14.22 -17.04 -4.66
C SER A 243 12.97 -17.17 -5.45
N SER A 244 12.79 -18.27 -6.12
CA SER A 244 11.58 -18.55 -6.84
C SER A 244 10.43 -18.85 -5.87
N LEU A 245 9.30 -18.18 -6.03
CA LEU A 245 8.16 -18.46 -5.13
C LEU A 245 7.51 -19.79 -5.50
N GLU A 246 7.13 -20.56 -4.48
CA GLU A 246 6.45 -21.83 -4.68
C GLU A 246 4.94 -21.61 -4.76
N LEU A 247 4.34 -22.05 -5.89
CA LEU A 247 2.92 -21.91 -6.13
C LEU A 247 2.29 -23.28 -6.36
N VAL A 248 1.04 -23.44 -5.90
N VAL A 248 0.98 -23.34 -6.21
CA VAL A 248 0.18 -24.61 -6.21
CA VAL A 248 0.27 -24.54 -6.42
C VAL A 248 -0.98 -24.22 -7.12
C VAL A 248 -0.92 -24.16 -7.27
N LYS A 249 -1.36 -25.13 -8.05
CA LYS A 249 -2.52 -24.87 -8.93
C LYS A 249 -3.80 -24.84 -8.10
N CYS A 250 -4.69 -23.95 -8.49
CA CYS A 250 -6.06 -23.99 -8.01
C CYS A 250 -6.69 -25.34 -8.36
N ASP A 251 -7.72 -25.71 -7.64
CA ASP A 251 -8.43 -26.94 -7.97
C ASP A 251 -9.39 -26.82 -9.14
N THR A 252 -10.03 -25.66 -9.26
CA THR A 252 -11.12 -25.45 -10.20
C THR A 252 -10.75 -24.59 -11.39
N ASN A 253 -9.51 -24.07 -11.43
CA ASN A 253 -9.04 -23.35 -12.61
C ASN A 253 -7.53 -23.56 -12.69
N ASP A 254 -6.88 -22.96 -13.71
CA ASP A 254 -5.49 -23.18 -13.93
C ASP A 254 -4.62 -22.03 -13.45
N LEU A 255 -5.14 -21.18 -12.58
CA LEU A 255 -4.29 -20.21 -11.90
C LEU A 255 -3.47 -20.86 -10.79
N TYR A 256 -2.43 -20.18 -10.35
CA TYR A 256 -1.52 -20.66 -9.35
C TYR A 256 -1.45 -19.70 -8.18
N VAL A 257 -1.53 -20.26 -6.97
CA VAL A 257 -1.59 -19.47 -5.74
C VAL A 257 -0.40 -19.80 -4.89
N PRO A 258 0.05 -18.91 -3.98
CA PRO A 258 1.17 -19.26 -3.11
C PRO A 258 0.82 -20.51 -2.29
N ALA A 259 1.82 -21.40 -2.18
CA ALA A 259 1.58 -22.69 -1.51
C ALA A 259 1.17 -22.55 -0.04
N THR A 260 1.66 -21.50 0.62
CA THR A 260 1.37 -21.28 2.05
C THR A 260 0.23 -20.27 2.29
N SER A 261 -0.55 -19.95 1.27
CA SER A 261 -1.67 -19.05 1.45
C SER A 261 -2.55 -19.56 2.59
N GLU A 262 -3.00 -18.64 3.44
CA GLU A 262 -3.90 -19.03 4.56
C GLU A 262 -5.27 -19.49 4.03
N ILE A 263 -5.85 -18.72 3.11
CA ILE A 263 -7.20 -18.94 2.60
C ILE A 263 -7.19 -18.58 1.13
N VAL A 264 -7.79 -19.42 0.29
CA VAL A 264 -7.89 -19.16 -1.14
C VAL A 264 -9.34 -19.27 -1.59
N LEU A 265 -9.83 -18.23 -2.28
CA LEU A 265 -11.10 -18.31 -2.99
C LEU A 265 -10.78 -18.52 -4.47
N GLU A 266 -11.48 -19.45 -5.11
CA GLU A 266 -11.34 -19.70 -6.55
C GLU A 266 -12.67 -19.38 -7.24
N GLY A 267 -12.63 -18.75 -8.41
CA GLY A 267 -13.90 -18.51 -9.11
C GLY A 267 -13.69 -17.68 -10.34
N THR A 268 -14.64 -16.77 -10.57
CA THR A 268 -14.58 -15.93 -11.78
C THR A 268 -14.96 -14.49 -11.44
N LEU A 269 -14.37 -13.58 -12.21
CA LEU A 269 -14.71 -12.17 -12.19
C LEU A 269 -15.58 -11.94 -13.44
N SER A 270 -16.83 -11.49 -13.25
CA SER A 270 -17.76 -11.43 -14.36
C SER A 270 -17.33 -10.36 -15.34
N ILE A 271 -17.51 -10.66 -16.65
CA ILE A 271 -17.39 -9.63 -17.69
C ILE A 271 -18.72 -8.95 -18.01
N SER A 272 -19.80 -9.35 -17.34
CA SER A 272 -21.11 -8.79 -17.62
C SER A 272 -21.90 -8.28 -16.41
N GLU A 273 -21.73 -8.87 -15.25
CA GLU A 273 -22.57 -8.57 -14.11
C GLU A 273 -21.88 -7.59 -13.18
N THR A 274 -22.71 -6.87 -12.44
CA THR A 274 -22.30 -5.96 -11.38
C THR A 274 -23.19 -6.14 -10.19
N GLY A 275 -22.82 -5.54 -9.06
CA GLY A 275 -23.74 -5.50 -7.95
C GLY A 275 -23.37 -4.35 -7.02
N PRO A 276 -24.21 -4.07 -6.02
CA PRO A 276 -23.92 -2.96 -5.13
C PRO A 276 -22.61 -3.14 -4.41
N GLU A 277 -21.84 -2.06 -4.31
CA GLU A 277 -20.53 -2.11 -3.65
C GLU A 277 -20.35 -0.77 -2.93
N GLY A 278 -19.81 -0.86 -1.72
CA GLY A 278 -19.58 0.30 -0.91
C GLY A 278 -20.86 0.80 -0.25
N PRO A 279 -20.77 1.89 0.49
CA PRO A 279 -19.54 2.64 0.73
C PRO A 279 -18.60 1.92 1.69
N PHE A 280 -17.38 2.43 1.74
CA PHE A 280 -16.36 1.87 2.61
C PHE A 280 -15.54 3.01 3.21
N GLY A 281 -15.21 2.88 4.49
CA GLY A 281 -14.29 3.82 5.11
C GLY A 281 -12.91 3.66 4.57
N GLU A 282 -12.53 4.67 3.78
N GLU A 282 -12.37 4.73 4.02
CA GLU A 282 -11.39 4.64 2.83
CA GLU A 282 -11.29 4.59 3.05
C GLU A 282 -10.14 5.37 3.38
C GLU A 282 -10.04 5.33 3.48
N MET A 283 -9.05 5.22 2.59
CA MET A 283 -7.70 5.63 2.91
C MET A 283 -7.56 7.12 3.26
N HIS A 284 -8.45 7.97 2.71
CA HIS A 284 -8.31 9.37 2.98
C HIS A 284 -8.96 9.79 4.28
N GLY A 285 -9.62 8.86 4.95
CA GLY A 285 -10.18 9.11 6.28
C GLY A 285 -11.66 9.33 6.36
N TYR A 286 -12.44 8.97 5.33
CA TYR A 286 -13.85 9.30 5.25
C TYR A 286 -14.65 8.08 4.83
N ILE A 287 -15.93 8.10 5.23
CA ILE A 287 -16.97 7.31 4.57
C ILE A 287 -18.16 8.25 4.31
N PHE A 288 -18.78 8.09 3.14
CA PHE A 288 -20.01 8.83 2.78
C PHE A 288 -21.16 7.83 2.89
N PRO A 289 -21.85 7.78 4.06
N PRO A 289 -21.93 7.79 3.97
CA PRO A 289 -22.91 6.81 4.30
CA PRO A 289 -22.88 6.69 4.11
C PRO A 289 -23.92 6.86 3.18
C PRO A 289 -23.92 6.55 3.00
N GLY A 290 -24.30 5.69 2.67
N GLY A 290 -24.19 7.61 2.22
CA GLY A 290 -25.29 5.56 1.66
CA GLY A 290 -25.25 7.57 1.29
C GLY A 290 -24.75 5.62 0.24
C GLY A 290 -24.76 6.94 0.00
N ASP A 291 -23.56 6.24 0.00
CA ASP A 291 -22.96 6.25 -1.35
C ASP A 291 -22.59 4.84 -1.81
N THR A 292 -23.60 4.07 -2.07
CA THR A 292 -23.38 2.75 -2.86
C THR A 292 -23.42 2.94 -4.40
N HIS A 293 -22.55 2.24 -5.07
CA HIS A 293 -22.46 2.29 -6.52
C HIS A 293 -22.30 0.88 -7.01
N LEU A 294 -22.51 0.62 -8.26
CA LEU A 294 -22.30 -0.72 -8.80
C LEU A 294 -20.80 -0.98 -8.93
N GLY A 295 -20.39 -2.14 -8.46
CA GLY A 295 -19.04 -2.65 -8.61
C GLY A 295 -18.99 -3.93 -9.35
N ALA A 296 -17.75 -4.39 -9.60
CA ALA A 296 -17.51 -5.66 -10.21
C ALA A 296 -18.03 -6.77 -9.32
N LYS A 297 -18.39 -7.89 -9.94
CA LYS A 297 -19.02 -9.02 -9.26
C LYS A 297 -18.19 -10.28 -9.50
N TYR A 298 -17.79 -10.93 -8.40
CA TYR A 298 -17.01 -12.16 -8.38
C TYR A 298 -17.85 -13.31 -7.89
N LYS A 299 -17.75 -14.45 -8.58
CA LYS A 299 -18.38 -15.68 -8.18
C LYS A 299 -17.32 -16.59 -7.55
N VAL A 300 -17.64 -17.13 -6.36
CA VAL A 300 -16.74 -18.04 -5.65
C VAL A 300 -17.26 -19.45 -5.84
N ASN A 301 -16.39 -20.35 -6.36
CA ASN A 301 -16.72 -21.73 -6.60
C ASN A 301 -16.10 -22.69 -5.59
N ARG A 302 -15.01 -22.29 -4.95
CA ARG A 302 -14.29 -23.17 -4.02
C ARG A 302 -13.52 -22.33 -3.02
N ILE A 303 -13.39 -22.85 -1.81
CA ILE A 303 -12.50 -22.27 -0.78
C ILE A 303 -11.51 -23.36 -0.37
N THR A 304 -10.22 -23.03 -0.32
CA THR A 304 -9.26 -23.92 0.32
C THR A 304 -8.55 -23.13 1.41
N TYR A 305 -8.04 -23.81 2.45
CA TYR A 305 -7.47 -23.05 3.53
C TYR A 305 -6.58 -23.94 4.42
N ARG A 306 -5.65 -23.26 5.07
CA ARG A 306 -4.79 -23.87 6.08
C ARG A 306 -5.60 -24.24 7.32
N ASN A 307 -5.13 -25.29 8.01
CA ASN A 307 -5.59 -25.53 9.37
C ASN A 307 -5.34 -24.24 10.20
N ASN A 308 -6.36 -23.87 10.99
CA ASN A 308 -6.27 -22.69 11.86
C ASN A 308 -5.95 -21.43 11.08
N ALA A 309 -6.58 -21.28 9.91
CA ALA A 309 -6.36 -20.16 8.97
C ALA A 309 -6.54 -18.81 9.66
N ILE A 310 -5.67 -17.89 9.22
CA ILE A 310 -5.65 -16.51 9.69
C ILE A 310 -5.93 -15.58 8.49
N MET A 311 -6.93 -14.73 8.63
CA MET A 311 -7.27 -13.68 7.63
C MET A 311 -6.61 -12.38 8.06
N PRO A 312 -5.72 -11.76 7.27
CA PRO A 312 -5.26 -10.41 7.57
C PRO A 312 -6.36 -9.41 7.22
N MET A 313 -6.38 -8.30 7.98
CA MET A 313 -7.39 -7.24 7.83
C MET A 313 -6.74 -5.90 8.03
N SER A 314 -7.08 -4.96 7.11
CA SER A 314 -6.73 -3.54 7.27
C SER A 314 -7.99 -2.78 7.72
N SER A 315 -7.92 -2.19 8.92
CA SER A 315 -8.98 -1.32 9.41
C SER A 315 -8.61 0.09 9.02
N CYS A 316 -8.88 0.46 7.76
CA CYS A 316 -8.27 1.64 7.16
C CYS A 316 -9.10 2.89 7.43
N GLY A 317 -8.40 4.03 7.33
CA GLY A 317 -9.05 5.32 7.57
C GLY A 317 -8.04 6.39 7.84
N ARG A 318 -8.27 7.15 8.92
CA ARG A 318 -7.32 8.14 9.35
C ARG A 318 -6.00 7.49 9.77
N LEU A 319 -4.95 8.31 9.85
CA LEU A 319 -3.58 7.83 10.04
C LEU A 319 -3.46 6.94 11.28
N THR A 320 -2.64 5.88 11.24
CA THR A 320 -1.81 5.41 10.12
C THR A 320 -2.05 3.92 9.92
N ASP A 321 -2.28 3.52 8.69
CA ASP A 321 -2.52 2.12 8.39
C ASP A 321 -1.86 1.76 7.06
N GLU A 322 -2.15 0.56 6.58
CA GLU A 322 -1.54 0.01 5.36
C GLU A 322 -1.81 0.88 4.14
N THR A 323 -2.96 1.57 4.13
CA THR A 323 -3.27 2.42 2.96
C THR A 323 -2.36 3.62 2.91
N HIS A 324 -1.66 3.95 3.98
CA HIS A 324 -0.72 5.04 4.00
C HIS A 324 0.70 4.52 3.85
N THR A 325 1.04 3.53 4.67
CA THR A 325 2.41 3.02 4.70
C THR A 325 2.79 2.31 3.42
N MET A 326 1.82 1.61 2.83
CA MET A 326 2.10 0.82 1.63
C MET A 326 1.65 1.53 0.39
N ILE A 327 0.39 2.00 0.28
CA ILE A 327 -0.03 2.61 -0.98
C ILE A 327 0.83 3.81 -1.29
N GLY A 328 0.95 4.75 -0.31
CA GLY A 328 1.64 5.99 -0.55
C GLY A 328 3.12 5.73 -0.81
N SER A 329 3.77 4.95 0.06
CA SER A 329 5.23 4.83 -0.01
C SER A 329 5.63 4.11 -1.29
N LEU A 330 4.87 3.06 -1.64
CA LEU A 330 5.21 2.24 -2.81
C LEU A 330 4.94 3.01 -4.10
N ALA A 331 3.89 3.83 -4.14
CA ALA A 331 3.67 4.71 -5.32
C ALA A 331 4.83 5.70 -5.41
N ALA A 332 5.25 6.30 -4.26
CA ALA A 332 6.35 7.20 -4.28
C ALA A 332 7.63 6.55 -4.81
N ALA A 333 7.88 5.30 -4.43
CA ALA A 333 9.03 4.60 -4.91
C ALA A 333 9.04 4.49 -6.44
N GLU A 334 7.89 4.04 -6.97
CA GLU A 334 7.76 3.90 -8.42
C GLU A 334 7.89 5.24 -9.12
N ILE A 335 7.35 6.32 -8.53
CA ILE A 335 7.49 7.64 -9.12
C ILE A 335 8.96 8.06 -9.14
N ARG A 336 9.72 7.77 -8.09
CA ARG A 336 11.15 8.09 -8.07
C ARG A 336 11.86 7.48 -9.28
N LYS A 337 11.63 6.17 -9.44
CA LYS A 337 12.23 5.45 -10.59
C LYS A 337 11.78 6.02 -11.91
N LEU A 338 10.46 6.25 -12.09
CA LEU A 338 9.93 6.80 -13.32
C LEU A 338 10.61 8.11 -13.65
N CYS A 339 10.78 9.00 -12.64
CA CYS A 339 11.40 10.26 -12.91
C CYS A 339 12.84 10.05 -13.41
N GLN A 340 13.61 9.19 -12.72
CA GLN A 340 14.99 8.93 -13.10
C GLN A 340 15.08 8.33 -14.51
N GLN A 341 14.12 7.47 -14.88
CA GLN A 341 14.16 6.89 -16.19
C GLN A 341 13.78 7.89 -17.29
N ASN A 342 13.17 9.02 -16.93
CA ASN A 342 12.87 10.11 -17.82
C ASN A 342 13.93 11.21 -17.70
N ASP A 343 15.10 10.87 -17.16
CA ASP A 343 16.19 11.78 -17.13
C ASP A 343 15.93 13.02 -16.25
N LEU A 344 15.10 12.89 -15.23
CA LEU A 344 14.88 13.96 -14.29
C LEU A 344 15.76 13.73 -13.07
N PRO A 345 16.31 14.78 -12.46
CA PRO A 345 17.34 14.65 -11.42
C PRO A 345 16.71 14.49 -10.04
N ILE A 346 15.97 13.42 -9.87
CA ILE A 346 15.25 13.12 -8.62
C ILE A 346 16.02 12.04 -7.89
N THR A 347 16.32 12.26 -6.62
CA THR A 347 17.08 11.29 -5.82
C THR A 347 16.18 10.46 -4.91
N ASP A 348 15.07 11.01 -4.48
CA ASP A 348 14.22 10.40 -3.42
C ASP A 348 12.81 10.90 -3.62
N ALA A 349 11.87 10.06 -3.19
CA ALA A 349 10.46 10.44 -3.20
C ALA A 349 9.75 9.79 -2.03
N PHE A 350 8.79 10.49 -1.44
CA PHE A 350 8.01 9.94 -0.37
C PHE A 350 6.66 10.61 -0.36
N ALA A 351 5.59 9.91 0.05
CA ALA A 351 4.25 10.52 0.18
C ALA A 351 4.07 10.88 1.65
N PRO A 352 4.13 12.16 2.03
CA PRO A 352 4.03 12.51 3.45
C PRO A 352 2.74 12.00 4.07
N PHE A 353 2.81 11.41 5.24
CA PHE A 353 1.62 10.99 5.92
C PHE A 353 0.73 12.17 6.22
N GLU A 354 1.31 13.34 6.53
CA GLU A 354 0.54 14.54 6.86
C GLU A 354 -0.40 14.97 5.71
N SER A 355 -0.02 14.62 4.48
CA SER A 355 -0.82 14.92 3.29
C SER A 355 -1.89 13.87 3.04
N GLN A 356 -2.06 12.93 3.97
CA GLN A 356 -2.97 11.81 3.75
C GLN A 356 -2.59 11.05 2.48
N VAL A 357 -1.25 10.95 2.25
CA VAL A 357 -0.61 10.36 1.08
C VAL A 357 -1.19 10.83 -0.23
N THR A 358 -1.61 12.09 -0.30
CA THR A 358 -2.03 12.69 -1.56
C THR A 358 -0.95 13.54 -2.19
N TRP A 359 0.12 13.82 -1.45
CA TRP A 359 1.28 14.52 -2.00
C TRP A 359 2.42 13.51 -2.15
N VAL A 360 3.33 13.80 -3.08
CA VAL A 360 4.65 13.20 -3.07
C VAL A 360 5.68 14.32 -3.13
N ALA A 361 6.64 14.26 -2.19
CA ALA A 361 7.78 15.16 -2.22
C ALA A 361 8.90 14.52 -2.97
N LEU A 362 9.47 15.25 -3.92
CA LEU A 362 10.54 14.81 -4.80
C LEU A 362 11.80 15.59 -4.47
N ARG A 363 12.83 14.91 -3.97
CA ARG A 363 14.10 15.52 -3.69
C ARG A 363 14.95 15.61 -4.96
N VAL A 364 15.42 16.82 -5.25
CA VAL A 364 16.15 17.12 -6.47
C VAL A 364 17.63 17.21 -6.20
N ASP A 365 18.42 16.57 -7.08
CA ASP A 365 19.87 16.75 -7.11
C ASP A 365 20.12 18.07 -7.83
N THR A 366 20.33 19.12 -7.05
CA THR A 366 20.36 20.46 -7.60
C THR A 366 21.63 20.74 -8.41
N GLU A 367 22.70 20.01 -8.17
CA GLU A 367 23.87 20.12 -9.06
C GLU A 367 23.46 19.75 -10.49
N LYS A 368 22.77 18.61 -10.61
CA LYS A 368 22.28 18.20 -11.94
C LYS A 368 21.25 19.20 -12.46
N LEU A 369 20.37 19.71 -11.60
CA LEU A 369 19.40 20.70 -12.06
C LEU A 369 20.12 21.93 -12.64
N ARG A 370 21.15 22.42 -11.95
CA ARG A 370 21.86 23.59 -12.44
C ARG A 370 22.42 23.38 -13.83
N ALA A 371 22.90 22.17 -14.09
CA ALA A 371 23.47 21.88 -15.40
C ALA A 371 22.43 21.87 -16.52
N MET A 372 21.17 21.66 -16.18
CA MET A 372 20.08 21.66 -17.12
C MET A 372 19.80 23.08 -17.62
N LYS A 373 20.20 24.13 -16.86
CA LYS A 373 20.00 25.52 -17.28
C LYS A 373 18.53 25.78 -17.69
N THR A 374 17.63 25.48 -16.75
CA THR A 374 16.22 25.52 -16.95
C THR A 374 15.59 26.49 -15.95
N THR A 375 14.28 26.57 -15.94
CA THR A 375 13.51 27.43 -15.08
C THR A 375 12.42 26.64 -14.37
N SER A 376 11.86 27.28 -13.32
CA SER A 376 10.81 26.63 -12.56
C SER A 376 9.63 26.21 -13.42
N GLU A 377 9.13 27.15 -14.24
N GLU A 377 9.14 27.12 -14.28
CA GLU A 377 7.97 26.84 -15.06
CA GLU A 377 7.93 26.74 -14.95
C GLU A 377 8.27 25.61 -15.93
C GLU A 377 8.19 25.67 -16.00
N GLY A 378 9.37 25.65 -16.64
CA GLY A 378 9.69 24.55 -17.53
C GLY A 378 9.87 23.25 -16.80
N PHE A 379 10.58 23.27 -15.67
CA PHE A 379 10.86 22.06 -14.94
C PHE A 379 9.57 21.47 -14.31
N ARG A 380 8.75 22.32 -13.72
CA ARG A 380 7.48 21.86 -13.17
C ARG A 380 6.63 21.19 -14.19
N LYS A 381 6.54 21.78 -15.39
CA LYS A 381 5.74 21.20 -16.44
C LYS A 381 6.29 19.83 -16.84
N ARG A 382 7.61 19.74 -16.97
CA ARG A 382 8.22 18.48 -17.35
C ARG A 382 7.93 17.36 -16.35
N VAL A 383 8.13 17.69 -15.06
CA VAL A 383 7.92 16.70 -14.02
C VAL A 383 6.45 16.27 -13.99
N GLY A 384 5.55 17.24 -13.99
CA GLY A 384 4.14 16.89 -13.94
C GLY A 384 3.67 16.09 -15.15
N ASP A 385 4.19 16.46 -16.32
CA ASP A 385 3.82 15.66 -17.52
C ASP A 385 4.24 14.21 -17.36
N VAL A 386 5.46 13.99 -16.89
CA VAL A 386 5.93 12.60 -16.71
C VAL A 386 5.05 11.86 -15.69
N VAL A 387 4.87 12.46 -14.51
CA VAL A 387 4.26 11.71 -13.42
C VAL A 387 2.74 11.60 -13.56
N PHE A 388 2.08 12.71 -13.89
CA PHE A 388 0.63 12.75 -13.87
C PHE A 388 0.03 12.05 -15.10
N ASN A 389 0.84 11.80 -16.13
CA ASN A 389 0.35 11.03 -17.29
C ASN A 389 0.69 9.55 -17.16
N HIS A 390 1.20 9.10 -16.00
CA HIS A 390 1.55 7.70 -15.79
C HIS A 390 0.69 7.11 -14.66
N LYS A 391 0.46 5.81 -14.75
CA LYS A 391 -0.29 5.13 -13.70
C LYS A 391 0.38 5.26 -12.32
N ALA A 392 1.70 5.33 -12.23
CA ALA A 392 2.32 5.45 -10.94
C ALA A 392 1.92 6.75 -10.23
N GLY A 393 1.55 7.78 -10.99
CA GLY A 393 1.06 9.02 -10.43
C GLY A 393 -0.40 9.12 -10.13
N TYR A 394 -1.17 8.02 -10.36
CA TYR A 394 -2.61 8.08 -10.25
C TYR A 394 -3.11 8.65 -8.94
N THR A 395 -2.61 8.10 -7.82
CA THR A 395 -3.16 8.46 -6.51
C THR A 395 -2.68 9.82 -5.99
N ILE A 396 -1.73 10.44 -6.68
CA ILE A 396 -1.01 11.60 -6.16
C ILE A 396 -1.52 12.85 -6.86
N HIS A 397 -1.97 13.81 -6.05
CA HIS A 397 -2.51 15.07 -6.60
C HIS A 397 -1.60 16.28 -6.47
N ARG A 398 -0.59 16.23 -5.61
CA ARG A 398 0.34 17.34 -5.48
C ARG A 398 1.75 16.76 -5.45
N LEU A 399 2.61 17.27 -6.34
CA LEU A 399 4.05 16.98 -6.26
C LEU A 399 4.73 18.20 -5.72
N VAL A 400 5.61 18.01 -4.74
CA VAL A 400 6.37 19.10 -4.14
C VAL A 400 7.84 18.88 -4.47
N LEU A 401 8.43 19.80 -5.24
CA LEU A 401 9.86 19.69 -5.58
C LEU A 401 10.66 20.39 -4.50
N VAL A 402 11.67 19.71 -3.94
CA VAL A 402 12.52 20.28 -2.89
C VAL A 402 13.96 20.00 -3.21
N GLY A 403 14.84 20.88 -2.72
CA GLY A 403 16.26 20.70 -2.91
C GLY A 403 16.89 19.75 -1.93
N ASP A 404 18.22 19.64 -2.08
CA ASP A 404 18.99 18.60 -1.43
C ASP A 404 19.03 18.69 0.06
N ASP A 405 18.71 19.84 0.64
CA ASP A 405 18.77 19.95 2.09
C ASP A 405 17.59 19.27 2.78
N ILE A 406 16.52 18.95 2.06
CA ILE A 406 15.30 18.42 2.64
C ILE A 406 15.29 16.90 2.61
N ASP A 407 15.02 16.31 3.77
CA ASP A 407 14.79 14.86 3.90
C ASP A 407 13.31 14.63 3.63
N VAL A 408 12.99 14.07 2.48
CA VAL A 408 11.59 13.90 2.11
C VAL A 408 10.86 12.87 2.95
N TYR A 409 11.61 12.04 3.69
CA TYR A 409 11.02 11.04 4.57
C TYR A 409 10.58 11.67 5.89
N GLU A 410 10.87 12.97 6.08
CA GLU A 410 10.49 13.70 7.30
C GLU A 410 9.42 14.72 6.97
N GLY A 411 8.18 14.43 7.34
CA GLY A 411 7.08 15.30 6.97
C GLY A 411 7.22 16.73 7.47
N LYS A 412 7.84 16.93 8.64
N LYS A 412 7.77 16.90 8.67
CA LYS A 412 8.01 18.29 9.17
CA LYS A 412 7.90 18.23 9.14
C LYS A 412 8.90 19.13 8.26
C LYS A 412 8.79 19.06 8.23
N ASP A 413 9.87 18.47 7.65
CA ASP A 413 10.78 19.21 6.80
C ASP A 413 10.16 19.51 5.42
N VAL A 414 9.35 18.57 4.91
CA VAL A 414 8.60 18.81 3.69
C VAL A 414 7.64 19.98 3.90
N LEU A 415 6.96 19.97 5.05
N LEU A 415 6.86 19.98 4.98
CA LEU A 415 5.97 20.98 5.32
CA LEU A 415 5.92 21.09 5.20
C LEU A 415 6.64 22.34 5.42
C LEU A 415 6.66 22.41 5.40
N TRP A 416 7.79 22.41 6.08
CA TRP A 416 8.60 23.61 6.20
C TRP A 416 8.94 24.14 4.81
N ALA A 417 9.53 23.29 3.98
CA ALA A 417 9.96 23.72 2.66
C ALA A 417 8.76 24.19 1.81
N PHE A 418 7.67 23.41 1.78
CA PHE A 418 6.50 23.79 1.02
C PHE A 418 5.99 25.17 1.41
N SER A 419 5.97 25.43 2.72
N SER A 419 5.76 25.35 2.72
CA SER A 419 5.31 26.59 3.29
CA SER A 419 5.17 26.58 3.20
C SER A 419 6.14 27.86 3.12
C SER A 419 6.10 27.81 3.07
N THR A 420 7.44 27.67 2.95
CA THR A 420 8.33 28.81 2.93
C THR A 420 9.02 29.06 1.59
N ARG A 421 9.02 28.06 0.68
CA ARG A 421 9.79 28.16 -0.55
C ARG A 421 8.92 28.16 -1.81
N CYS A 422 7.64 27.79 -1.72
CA CYS A 422 6.73 27.75 -2.87
C CYS A 422 5.69 28.85 -2.77
N ARG A 423 5.85 29.89 -3.64
CA ARG A 423 4.85 30.98 -3.66
C ARG A 423 3.58 30.50 -4.27
N PRO A 424 2.45 30.56 -3.55
CA PRO A 424 1.18 30.10 -4.12
C PRO A 424 0.91 30.72 -5.47
N GLY A 425 0.45 29.90 -6.42
CA GLY A 425 0.11 30.37 -7.75
C GLY A 425 1.34 30.45 -8.65
N MET A 426 2.20 31.47 -8.42
CA MET A 426 3.34 31.70 -9.28
C MET A 426 4.29 30.51 -9.38
N ASP A 427 4.51 29.80 -8.27
CA ASP A 427 5.48 28.73 -8.25
C ASP A 427 4.82 27.36 -8.44
N GLU A 428 3.62 27.36 -8.98
CA GLU A 428 2.83 26.13 -9.17
C GLU A 428 2.34 26.02 -10.59
N THR A 429 2.13 24.78 -11.05
CA THR A 429 1.44 24.54 -12.31
C THR A 429 0.32 23.56 -12.05
N LEU A 430 -0.89 23.97 -12.42
CA LEU A 430 -2.08 23.15 -12.31
C LEU A 430 -2.23 22.24 -13.55
N PHE A 431 -2.72 21.04 -13.33
CA PHE A 431 -2.94 20.06 -14.39
C PHE A 431 -4.39 19.62 -14.31
N GLU A 432 -5.21 20.06 -15.27
CA GLU A 432 -6.61 19.76 -15.35
C GLU A 432 -6.92 18.64 -16.34
N ASP A 433 -5.98 18.32 -17.25
CA ASP A 433 -6.23 17.32 -18.28
C ASP A 433 -5.37 16.08 -18.05
N VAL A 434 -5.50 15.57 -16.86
CA VAL A 434 -4.89 14.31 -16.41
C VAL A 434 -5.95 13.53 -15.66
N ARG A 435 -5.71 12.21 -15.53
CA ARG A 435 -6.59 11.37 -14.72
C ARG A 435 -6.51 11.80 -13.25
N GLY A 436 -7.67 11.95 -12.63
CA GLY A 436 -7.78 12.25 -11.22
C GLY A 436 -8.14 11.02 -10.41
N PHE A 437 -7.87 11.09 -9.10
CA PHE A 437 -8.16 9.96 -8.21
C PHE A 437 -9.48 10.19 -7.50
N PRO A 438 -10.56 9.50 -7.92
CA PRO A 438 -11.88 9.87 -7.42
C PRO A 438 -12.12 9.63 -5.96
N LEU A 439 -11.32 8.77 -5.31
N LEU A 439 -11.33 8.75 -5.35
CA LEU A 439 -11.49 8.43 -3.89
CA LEU A 439 -11.54 8.46 -3.98
C LEU A 439 -11.16 9.62 -2.98
C LEU A 439 -11.28 9.67 -3.08
N ILE A 440 -10.38 10.57 -3.45
CA ILE A 440 -10.15 11.74 -2.61
C ILE A 440 -11.44 12.51 -2.49
N PRO A 441 -11.88 12.95 -1.29
CA PRO A 441 -13.17 13.58 -1.18
C PRO A 441 -13.35 14.77 -2.10
N TYR A 442 -12.33 15.61 -2.22
CA TYR A 442 -12.48 16.82 -3.07
C TYR A 442 -12.61 16.46 -4.55
N MET A 443 -12.40 15.22 -4.95
CA MET A 443 -12.60 14.71 -6.30
C MET A 443 -13.99 14.13 -6.42
N GLY A 444 -14.22 12.91 -5.90
CA GLY A 444 -15.46 12.23 -6.10
C GLY A 444 -16.66 12.87 -5.42
N HIS A 445 -16.45 13.66 -4.36
CA HIS A 445 -17.49 14.33 -3.63
C HIS A 445 -17.30 15.83 -3.66
N GLY A 446 -16.55 16.33 -4.66
CA GLY A 446 -16.18 17.71 -4.72
C GLY A 446 -16.93 18.52 -5.76
N ASN A 447 -16.33 19.67 -6.11
CA ASN A 447 -16.97 20.64 -6.97
C ASN A 447 -16.72 20.47 -8.46
N GLY A 448 -15.82 19.56 -8.86
CA GLY A 448 -15.42 19.37 -10.22
C GLY A 448 -15.55 17.92 -10.68
N PRO A 449 -15.02 17.62 -11.88
CA PRO A 449 -15.10 16.28 -12.40
C PRO A 449 -14.41 15.30 -11.46
N ALA A 450 -15.08 14.15 -11.21
CA ALA A 450 -14.51 13.20 -10.26
C ALA A 450 -13.24 12.54 -10.78
N HIS A 451 -13.09 12.43 -12.10
CA HIS A 451 -12.09 11.60 -12.70
C HIS A 451 -11.02 12.34 -13.47
N ARG A 452 -11.04 13.68 -13.44
CA ARG A 452 -10.14 14.47 -14.28
C ARG A 452 -9.66 15.67 -13.50
N GLY A 453 -8.38 15.92 -13.59
CA GLY A 453 -7.81 17.15 -13.10
C GLY A 453 -7.61 17.18 -11.58
N GLY A 454 -7.46 18.40 -11.08
CA GLY A 454 -7.24 18.63 -9.67
C GLY A 454 -5.83 18.36 -9.19
N LYS A 455 -4.85 18.37 -10.11
CA LYS A 455 -3.46 18.06 -9.78
C LYS A 455 -2.60 19.29 -9.90
N VAL A 456 -1.46 19.28 -9.22
CA VAL A 456 -0.59 20.44 -9.17
C VAL A 456 0.85 20.01 -8.92
N VAL A 457 1.79 20.71 -9.57
CA VAL A 457 3.19 20.65 -9.18
C VAL A 457 3.52 21.96 -8.46
N SER A 458 4.00 21.84 -7.23
CA SER A 458 4.39 22.95 -6.38
C SER A 458 5.90 22.97 -6.28
N ASP A 459 6.54 24.00 -6.80
CA ASP A 459 7.99 24.07 -6.82
C ASP A 459 8.48 24.78 -5.55
N ALA A 460 9.04 24.00 -4.62
CA ALA A 460 9.68 24.51 -3.41
C ALA A 460 11.20 24.57 -3.56
N LEU A 461 11.72 24.59 -4.79
CA LEU A 461 13.08 25.00 -5.08
C LEU A 461 13.16 26.51 -5.10
N MET A 462 14.19 27.05 -4.47
CA MET A 462 14.44 28.48 -4.47
C MET A 462 15.13 28.89 -5.75
N PRO A 463 15.05 30.19 -6.14
CA PRO A 463 15.56 30.58 -7.46
C PRO A 463 17.01 30.23 -7.72
N THR A 464 17.89 30.42 -6.72
CA THR A 464 19.29 30.17 -6.99
C THR A 464 19.60 28.68 -7.08
N GLU A 465 18.66 27.81 -6.69
CA GLU A 465 18.90 26.40 -6.86
C GLU A 465 18.95 26.00 -8.34
N TYR A 466 18.37 26.82 -9.22
CA TYR A 466 18.42 26.59 -10.67
C TYR A 466 19.67 27.18 -11.30
N THR A 467 20.41 28.06 -10.62
CA THR A 467 21.45 28.90 -11.22
C THR A 467 22.79 28.62 -10.56
N THR A 468 23.05 29.25 -9.42
CA THR A 468 24.37 29.32 -8.84
C THR A 468 24.51 28.50 -7.52
N GLY A 469 23.40 28.08 -6.90
CA GLY A 469 23.42 27.27 -5.71
C GLY A 469 22.66 27.90 -4.56
N ARG A 470 22.37 27.10 -3.56
CA ARG A 470 21.69 27.57 -2.35
C ARG A 470 22.40 28.79 -1.78
N ASN A 471 21.60 29.79 -1.39
CA ASN A 471 22.12 31.08 -0.92
C ASN A 471 21.67 31.45 0.51
N TRP A 472 21.20 30.47 1.24
CA TRP A 472 20.82 30.64 2.63
C TRP A 472 21.49 29.62 3.51
N GLU A 473 21.38 29.87 4.80
CA GLU A 473 21.60 28.91 5.86
C GLU A 473 20.32 28.81 6.69
N ALA A 474 19.97 27.63 7.19
CA ALA A 474 18.83 27.57 8.09
C ALA A 474 19.17 28.29 9.41
N ALA A 475 18.12 28.92 9.95
CA ALA A 475 18.13 29.51 11.30
C ALA A 475 17.72 28.39 12.29
N ASP A 476 18.62 27.41 12.40
CA ASP A 476 18.40 26.28 13.28
C ASP A 476 19.70 25.99 14.02
N PHE A 477 19.60 25.10 15.01
CA PHE A 477 20.78 24.78 15.81
C PHE A 477 21.87 24.22 14.90
N ASN A 478 21.48 23.34 13.95
CA ASN A 478 22.46 22.68 13.11
C ASN A 478 23.29 23.65 12.27
N GLN A 479 22.62 24.61 11.66
CA GLN A 479 23.26 25.41 10.61
C GLN A 479 23.68 26.81 11.05
N SER A 480 23.18 27.31 12.15
N SER A 480 23.16 27.30 12.19
CA SER A 480 23.50 28.67 12.45
CA SER A 480 23.39 28.70 12.74
C SER A 480 24.53 28.80 13.59
C SER A 480 24.67 28.85 13.55
N TYR A 481 25.25 27.71 13.94
CA TYR A 481 26.29 27.71 14.96
C TYR A 481 27.43 26.83 14.47
N PRO A 482 28.70 27.21 14.75
CA PRO A 482 29.81 26.38 14.34
C PRO A 482 29.84 25.04 15.06
N GLU A 483 30.55 24.08 14.44
CA GLU A 483 30.64 22.71 14.98
C GLU A 483 31.14 22.64 16.40
N ASP A 484 32.21 23.35 16.68
N ASP A 484 32.23 23.34 16.67
CA ASP A 484 32.77 23.21 18.03
CA ASP A 484 32.84 23.28 18.01
C ASP A 484 31.84 23.77 19.12
C ASP A 484 31.77 23.69 19.07
N LEU A 485 31.08 24.81 18.81
CA LEU A 485 30.13 25.34 19.76
C LEU A 485 28.97 24.37 19.95
N LYS A 486 28.46 23.83 18.85
CA LYS A 486 27.37 22.87 18.95
C LYS A 486 27.76 21.71 19.88
N GLN A 487 28.97 21.20 19.67
CA GLN A 487 29.40 20.05 20.45
C GLN A 487 29.55 20.41 21.93
N LYS A 488 30.07 21.60 22.20
CA LYS A 488 30.17 22.09 23.57
C LYS A 488 28.80 22.16 24.25
N VAL A 489 27.82 22.71 23.53
CA VAL A 489 26.50 22.81 24.06
C VAL A 489 25.92 21.43 24.38
N LEU A 490 26.11 20.49 23.41
CA LEU A 490 25.60 19.14 23.64
C LEU A 490 26.29 18.48 24.83
N ASP A 491 27.61 18.66 24.90
CA ASP A 491 28.37 17.97 25.94
C ASP A 491 28.04 18.50 27.33
N ASN A 492 27.61 19.79 27.42
CA ASN A 492 27.32 20.40 28.71
C ASN A 492 25.81 20.45 29.03
N TRP A 493 24.98 19.88 28.15
CA TRP A 493 23.51 20.03 28.21
C TRP A 493 22.93 19.54 29.55
N THR A 494 23.26 18.30 29.91
CA THR A 494 22.65 17.78 31.15
C THR A 494 23.33 18.46 32.36
N LYS A 495 24.64 18.77 32.32
CA LYS A 495 25.39 19.41 33.36
C LYS A 495 24.71 20.72 33.73
N MET A 496 24.33 21.49 32.68
CA MET A 496 23.78 22.84 32.90
C MET A 496 22.52 22.75 33.78
N GLY A 497 21.68 21.69 33.35
CA GLY A 497 20.32 21.33 33.89
C GLY A 497 19.19 21.01 32.88
N PHE A 498 19.43 20.80 31.60
CA PHE A 498 18.41 20.52 30.59
C PHE A 498 18.18 19.02 30.46
N SER A 499 17.20 18.58 29.62
CA SER A 499 16.89 17.13 29.52
C SER A 499 17.64 16.53 28.33
N HIS A 503 16.17 8.21 25.01
CA HIS A 503 17.15 7.27 24.44
C HIS A 503 16.67 6.86 23.03
N HIS A 504 17.62 6.64 22.14
CA HIS A 504 17.35 6.28 20.72
C HIS A 504 16.41 5.07 20.60
N HIS A 505 16.62 3.99 21.37
CA HIS A 505 15.78 2.77 21.15
C HIS A 505 14.44 2.79 21.91
N HIS A 506 14.16 3.86 22.68
CA HIS A 506 13.02 3.91 23.69
#